data_6DBK
#
_entry.id   6DBK
#
_cell.length_a   36.483
_cell.length_b   73.139
_cell.length_c   103.026
_cell.angle_alpha   90.000
_cell.angle_beta   90.000
_cell.angle_gamma   90.000
#
_symmetry.space_group_name_H-M   'P 21 21 21'
#
loop_
_entity.id
_entity.type
_entity.pdbx_description
1 polymer 'Non-receptor tyrosine-protein kinase TYK2'
2 non-polymer 4-({4-[(1S,4S)-5-(cyanoacetyl)-2,5-diazabicyclo[2.2.1]heptan-2-yl]pyrimidin-2-yl}amino)-N-ethylbenzamide
3 water water
#
_entity_poly.entity_id   1
_entity_poly.type   'polypeptide(L)'
_entity_poly.pdbx_seq_one_letter_code
;MAHHHHHHHHHHGALEVLFQGPGDPTVFHKRYLKKIRDLGEGHFGKVSLYCYDPTNDGTGEMVAVKALKADAGPQHRSGW
KQEIDILRTLYHEHIIKYKGCCEDAGAASLQLVMEYVPLGSLRDYLPRHSIGLAQLLLFAQQICEGMAYLHSQHYIHRDL
AARNVLLDNDRLVKIGDFGLAKAVPEGHE(PTR)YRVREDGDSPVFWYAPECLKEYKFYYASDVWSFGVTLYELLTHCDS
SQSPPTKFLELIGIAQGQMTVLRLTELLERGERLPRPDKCPAEVYHLMKNCWETEASFRPTFENLIPILKTVHEKYQGQA
PS
;
_entity_poly.pdbx_strand_id   A
#
loop_
_chem_comp.id
_chem_comp.type
_chem_comp.name
_chem_comp.formula
G5D non-polymer 4-({4-[(1S,4S)-5-(cyanoacetyl)-2,5-diazabicyclo[2.2.1]heptan-2-yl]pyrimidin-2-yl}amino)-N-ethylbenzamide 'C21 H23 N7 O2'
#
# COMPACT_ATOMS: atom_id res chain seq x y z
N PRO A 25 0.08 7.49 21.57
CA PRO A 25 -0.16 7.95 22.95
C PRO A 25 -0.95 6.93 23.82
N THR A 26 -2.13 6.48 23.32
CA THR A 26 -3.03 5.52 24.00
C THR A 26 -2.34 4.20 24.27
N VAL A 27 -2.63 3.61 25.43
CA VAL A 27 -2.07 2.34 25.88
C VAL A 27 -3.19 1.29 26.03
N PHE A 28 -3.00 0.15 25.37
CA PHE A 28 -3.94 -0.96 25.45
C PHE A 28 -3.42 -1.93 26.48
N HIS A 29 -4.29 -2.42 27.33
CA HIS A 29 -3.83 -3.37 28.34
C HIS A 29 -4.16 -4.75 27.83
N LYS A 30 -3.16 -5.65 27.81
CA LYS A 30 -3.31 -7.01 27.32
C LYS A 30 -4.47 -7.85 27.91
N ARG A 31 -4.83 -7.64 29.20
CA ARG A 31 -5.90 -8.41 29.86
C ARG A 31 -7.32 -8.25 29.28
N TYR A 32 -7.57 -7.18 28.49
CA TYR A 32 -8.88 -6.98 27.85
C TYR A 32 -8.88 -7.31 26.35
N LEU A 33 -7.73 -7.83 25.84
CA LEU A 33 -7.51 -8.19 24.44
C LEU A 33 -7.86 -9.65 24.18
N LYS A 34 -8.88 -9.89 23.34
CA LYS A 34 -9.24 -11.28 22.99
C LYS A 34 -8.99 -11.49 21.49
N LYS A 35 -8.09 -12.40 21.13
CA LYS A 35 -7.74 -12.76 19.73
C LYS A 35 -8.93 -13.48 19.09
N ILE A 36 -9.26 -13.08 17.85
CA ILE A 36 -10.39 -13.60 17.08
C ILE A 36 -9.86 -14.43 15.90
N ARG A 37 -9.04 -13.81 15.02
CA ARG A 37 -8.50 -14.42 13.82
C ARG A 37 -7.33 -13.61 13.31
N ASP A 38 -6.45 -14.26 12.53
CA ASP A 38 -5.37 -13.57 11.86
C ASP A 38 -5.97 -12.87 10.64
N LEU A 39 -5.52 -11.63 10.37
CA LEU A 39 -6.02 -10.84 9.26
C LEU A 39 -5.09 -10.83 8.05
N GLY A 40 -3.80 -10.92 8.31
CA GLY A 40 -2.78 -10.92 7.27
C GLY A 40 -1.40 -10.96 7.87
N GLU A 41 -0.40 -11.08 6.99
CA GLU A 41 1.03 -11.09 7.29
C GLU A 41 1.69 -10.31 6.15
N GLY A 42 2.46 -9.30 6.50
CA GLY A 42 3.14 -8.42 5.54
C GLY A 42 4.57 -8.84 5.34
N HIS A 43 5.48 -7.85 5.19
CA HIS A 43 6.92 -8.09 5.00
C HIS A 43 7.55 -8.56 6.32
N PHE A 44 7.55 -7.70 7.35
CA PHE A 44 8.13 -7.98 8.66
C PHE A 44 7.11 -8.20 9.81
N GLY A 45 5.81 -8.03 9.53
CA GLY A 45 4.80 -8.15 10.56
C GLY A 45 3.66 -9.11 10.33
N LYS A 46 2.72 -9.08 11.26
CA LYS A 46 1.52 -9.91 11.24
C LYS A 46 0.40 -9.06 11.84
N VAL A 47 -0.76 -9.05 11.20
CA VAL A 47 -1.91 -8.30 11.68
C VAL A 47 -2.99 -9.32 12.11
N SER A 48 -3.48 -9.18 13.34
CA SER A 48 -4.51 -10.08 13.87
C SER A 48 -5.69 -9.27 14.39
N LEU A 49 -6.89 -9.87 14.35
CA LEU A 49 -8.08 -9.22 14.85
C LEU A 49 -8.28 -9.59 16.30
N TYR A 50 -8.52 -8.56 17.12
CA TYR A 50 -8.75 -8.72 18.54
C TYR A 50 -10.01 -8.01 18.99
N CYS A 51 -10.59 -8.54 20.06
CA CYS A 51 -11.73 -7.92 20.71
C CYS A 51 -11.15 -7.19 21.93
N TYR A 52 -11.39 -5.89 22.05
CA TYR A 52 -10.91 -5.14 23.22
C TYR A 52 -12.08 -4.84 24.14
N ASP A 53 -12.26 -5.68 25.15
CA ASP A 53 -13.44 -5.55 26.00
C ASP A 53 -13.20 -5.28 27.50
N PRO A 54 -12.93 -4.01 27.89
CA PRO A 54 -12.73 -3.68 29.32
C PRO A 54 -14.01 -3.75 30.18
N THR A 55 -14.49 -5.00 30.39
CA THR A 55 -15.64 -5.50 31.17
C THR A 55 -15.71 -6.99 30.86
N ASN A 56 -16.54 -7.34 29.85
CA ASN A 56 -16.91 -8.63 29.26
C ASN A 56 -18.28 -8.44 28.59
N ASP A 57 -18.88 -7.24 28.78
CA ASP A 57 -20.18 -6.84 28.25
C ASP A 57 -20.17 -6.49 26.74
N GLY A 58 -21.26 -5.89 26.27
CA GLY A 58 -21.47 -5.51 24.87
C GLY A 58 -20.86 -4.22 24.37
N THR A 59 -20.25 -3.41 25.25
CA THR A 59 -19.60 -2.16 24.81
C THR A 59 -18.19 -2.41 24.23
N GLY A 60 -18.03 -3.57 23.59
CA GLY A 60 -16.78 -4.02 23.00
C GLY A 60 -16.34 -3.32 21.74
N GLU A 61 -15.01 -3.31 21.52
CA GLU A 61 -14.36 -2.71 20.35
C GLU A 61 -13.51 -3.74 19.61
N MET A 62 -13.61 -3.75 18.27
CA MET A 62 -12.83 -4.69 17.49
C MET A 62 -11.59 -3.99 17.00
N VAL A 63 -10.42 -4.58 17.24
CA VAL A 63 -9.17 -3.94 16.86
C VAL A 63 -8.24 -4.80 16.09
N ALA A 64 -7.55 -4.16 15.15
CA ALA A 64 -6.53 -4.71 14.29
C ALA A 64 -5.18 -4.44 14.94
N VAL A 65 -4.45 -5.50 15.29
CA VAL A 65 -3.17 -5.41 15.98
C VAL A 65 -2.01 -5.94 15.11
N LYS A 66 -1.05 -5.08 14.83
CA LYS A 66 0.18 -5.37 14.08
C LYS A 66 1.32 -5.70 15.05
N ALA A 67 1.86 -6.89 14.91
CA ALA A 67 2.98 -7.38 15.71
C ALA A 67 4.14 -7.71 14.82
N LEU A 68 5.33 -7.32 15.25
CA LEU A 68 6.57 -7.65 14.57
C LEU A 68 6.97 -9.04 15.07
N LYS A 69 7.53 -9.91 14.21
CA LYS A 69 7.98 -11.24 14.66
C LYS A 69 9.12 -11.11 15.68
N ALA A 70 9.09 -11.91 16.77
CA ALA A 70 10.08 -11.92 17.86
C ALA A 70 11.50 -12.32 17.36
N ASP A 71 11.57 -12.89 16.14
CA ASP A 71 12.77 -13.33 15.42
C ASP A 71 13.41 -12.23 14.58
N ALA A 72 12.66 -11.13 14.30
CA ALA A 72 13.09 -10.00 13.47
C ALA A 72 14.43 -9.41 13.86
N GLY A 73 15.25 -9.12 12.85
CA GLY A 73 16.59 -8.56 13.00
C GLY A 73 16.63 -7.19 13.64
N PRO A 74 17.84 -6.71 14.03
CA PRO A 74 17.94 -5.38 14.65
C PRO A 74 17.60 -4.22 13.71
N GLN A 75 17.67 -4.47 12.38
CA GLN A 75 17.33 -3.53 11.32
C GLN A 75 15.82 -3.29 11.31
N HIS A 76 15.04 -4.38 11.39
CA HIS A 76 13.57 -4.36 11.41
C HIS A 76 13.03 -3.85 12.73
N ARG A 77 13.74 -4.13 13.84
CA ARG A 77 13.35 -3.69 15.19
C ARG A 77 13.46 -2.16 15.33
N SER A 78 14.51 -1.54 14.75
CA SER A 78 14.64 -0.08 14.78
C SER A 78 13.59 0.52 13.83
N GLY A 79 13.45 -0.08 12.63
CA GLY A 79 12.43 0.31 11.65
C GLY A 79 10.99 0.23 12.17
N TRP A 80 10.70 -0.74 13.07
CA TRP A 80 9.39 -0.96 13.71
C TRP A 80 8.97 0.21 14.60
N LYS A 81 9.88 0.73 15.44
CA LYS A 81 9.62 1.87 16.32
C LYS A 81 9.28 3.14 15.49
N GLN A 82 9.99 3.31 14.35
CA GLN A 82 9.81 4.37 13.36
C GLN A 82 8.44 4.25 12.70
N GLU A 83 8.02 3.02 12.35
CA GLU A 83 6.70 2.80 11.73
C GLU A 83 5.58 3.20 12.73
N ILE A 84 5.72 2.78 14.02
CA ILE A 84 4.76 3.09 15.10
C ILE A 84 4.58 4.60 15.22
N ASP A 85 5.70 5.34 15.28
CA ASP A 85 5.76 6.80 15.36
C ASP A 85 5.15 7.44 14.12
N ILE A 86 5.33 6.81 12.93
CA ILE A 86 4.73 7.31 11.69
C ILE A 86 3.20 7.27 11.80
N LEU A 87 2.61 6.11 12.15
CA LEU A 87 1.16 6.00 12.31
C LEU A 87 0.61 6.84 13.47
N ARG A 88 1.39 7.01 14.56
CA ARG A 88 1.06 7.85 15.73
C ARG A 88 0.79 9.31 15.33
N THR A 89 1.44 9.79 14.24
CA THR A 89 1.35 11.17 13.74
C THR A 89 0.59 11.40 12.43
N LEU A 90 0.33 10.34 11.63
CA LEU A 90 -0.42 10.50 10.38
C LEU A 90 -1.90 10.51 10.71
N TYR A 91 -2.60 11.58 10.32
CA TYR A 91 -4.02 11.70 10.59
C TYR A 91 -4.71 12.28 9.38
N HIS A 92 -5.48 11.43 8.70
CA HIS A 92 -6.18 11.75 7.46
C HIS A 92 -7.32 10.78 7.26
N GLU A 93 -8.38 11.24 6.60
CA GLU A 93 -9.56 10.42 6.31
C GLU A 93 -9.27 9.15 5.47
N HIS A 94 -8.20 9.19 4.67
CA HIS A 94 -7.83 8.05 3.83
C HIS A 94 -6.55 7.32 4.29
N ILE A 95 -6.30 7.41 5.60
CA ILE A 95 -5.22 6.71 6.31
C ILE A 95 -5.90 5.98 7.47
N ILE A 96 -5.59 4.68 7.66
CA ILE A 96 -6.10 3.86 8.75
C ILE A 96 -5.87 4.58 10.08
N LYS A 97 -6.83 4.46 10.99
CA LYS A 97 -6.73 5.16 12.27
C LYS A 97 -5.87 4.43 13.28
N TYR A 98 -4.85 5.12 13.78
CA TYR A 98 -3.99 4.63 14.86
C TYR A 98 -4.85 4.61 16.14
N LYS A 99 -4.75 3.57 16.95
CA LYS A 99 -5.56 3.46 18.16
C LYS A 99 -4.69 3.57 19.42
N GLY A 100 -3.60 2.85 19.42
CA GLY A 100 -2.66 2.85 20.53
C GLY A 100 -1.59 1.80 20.38
N CYS A 101 -0.95 1.48 21.51
CA CYS A 101 0.07 0.46 21.59
C CYS A 101 -0.10 -0.34 22.86
N CYS A 102 0.43 -1.53 22.87
CA CYS A 102 0.46 -2.36 24.06
C CYS A 102 1.78 -3.06 24.04
N GLU A 103 2.29 -3.43 25.22
CA GLU A 103 3.56 -4.13 25.33
C GLU A 103 3.39 -5.53 24.79
N ASP A 104 4.32 -5.94 23.94
CA ASP A 104 4.36 -7.28 23.37
C ASP A 104 5.48 -7.94 24.13
N ALA A 105 5.20 -8.31 25.39
CA ALA A 105 6.19 -8.94 26.28
C ALA A 105 6.79 -10.21 25.67
N GLY A 106 5.98 -10.93 24.88
CA GLY A 106 6.40 -12.13 24.18
C GLY A 106 7.41 -11.90 23.06
N ALA A 107 7.52 -10.64 22.59
CA ALA A 107 8.43 -10.22 21.52
C ALA A 107 9.36 -9.05 21.91
N ALA A 108 9.29 -8.61 23.19
CA ALA A 108 10.06 -7.51 23.80
C ALA A 108 9.88 -6.12 23.17
N SER A 109 8.99 -6.03 22.17
CA SER A 109 8.70 -4.77 21.50
C SER A 109 7.26 -4.38 21.82
N LEU A 110 6.67 -3.50 21.01
CA LEU A 110 5.30 -3.08 21.19
C LEU A 110 4.49 -3.71 20.06
N GLN A 111 3.17 -3.61 20.22
CA GLN A 111 2.20 -4.05 19.24
C GLN A 111 1.50 -2.78 18.86
N LEU A 112 1.18 -2.64 17.58
CA LEU A 112 0.51 -1.47 17.04
C LEU A 112 -0.99 -1.80 16.91
N VAL A 113 -1.84 -1.05 17.60
CA VAL A 113 -3.28 -1.24 17.60
C VAL A 113 -3.87 -0.19 16.71
N MET A 114 -4.74 -0.61 15.77
CA MET A 114 -5.42 0.28 14.82
C MET A 114 -6.87 -0.14 14.77
N GLU A 115 -7.68 0.65 14.09
CA GLU A 115 -9.08 0.31 13.86
C GLU A 115 -9.16 -0.95 12.96
N TYR A 116 -10.22 -1.71 13.11
CA TYR A 116 -10.48 -2.89 12.32
C TYR A 116 -11.32 -2.42 11.15
N VAL A 117 -10.89 -2.75 9.90
CA VAL A 117 -11.61 -2.35 8.69
C VAL A 117 -12.30 -3.63 8.19
N PRO A 118 -13.62 -3.80 8.48
CA PRO A 118 -14.27 -5.09 8.23
C PRO A 118 -14.33 -5.66 6.83
N LEU A 119 -14.33 -4.82 5.81
CA LEU A 119 -14.38 -5.31 4.44
C LEU A 119 -13.00 -5.71 3.86
N GLY A 120 -11.93 -5.48 4.62
CA GLY A 120 -10.58 -5.85 4.18
C GLY A 120 -9.98 -5.04 3.04
N SER A 121 -8.98 -5.63 2.37
CA SER A 121 -8.31 -4.95 1.27
C SER A 121 -9.09 -5.06 -0.02
N LEU A 122 -8.78 -4.19 -0.99
CA LEU A 122 -9.37 -4.26 -2.33
C LEU A 122 -8.93 -5.53 -2.99
N ARG A 123 -7.71 -6.03 -2.62
CA ARG A 123 -7.25 -7.31 -3.16
C ARG A 123 -8.18 -8.46 -2.71
N ASP A 124 -8.68 -8.40 -1.46
CA ASP A 124 -9.59 -9.38 -0.86
C ASP A 124 -11.02 -9.19 -1.41
N TYR A 125 -11.45 -7.95 -1.51
CA TYR A 125 -12.82 -7.58 -1.84
C TYR A 125 -13.22 -7.61 -3.30
N LEU A 126 -12.44 -6.94 -4.17
CA LEU A 126 -12.75 -6.82 -5.61
C LEU A 126 -13.00 -8.16 -6.38
N PRO A 127 -12.21 -9.24 -6.18
CA PRO A 127 -12.49 -10.46 -6.94
C PRO A 127 -13.90 -11.04 -6.72
N ARG A 128 -14.60 -10.66 -5.62
CA ARG A 128 -15.94 -11.17 -5.28
C ARG A 128 -17.06 -10.14 -5.46
N HIS A 129 -16.70 -8.89 -5.62
CA HIS A 129 -17.67 -7.82 -5.75
C HIS A 129 -17.37 -7.01 -6.99
N SER A 130 -18.20 -7.20 -8.02
CA SER A 130 -18.10 -6.50 -9.29
C SER A 130 -18.53 -5.06 -9.02
N ILE A 131 -17.53 -4.22 -8.79
CA ILE A 131 -17.66 -2.80 -8.48
C ILE A 131 -17.59 -2.05 -9.80
N GLY A 132 -18.42 -1.03 -9.93
CA GLY A 132 -18.48 -0.23 -11.15
C GLY A 132 -17.30 0.70 -11.30
N LEU A 133 -16.98 1.06 -12.54
CA LEU A 133 -15.90 1.97 -12.92
C LEU A 133 -15.91 3.26 -12.15
N ALA A 134 -17.10 3.83 -11.88
CA ALA A 134 -17.23 5.05 -11.11
C ALA A 134 -16.65 4.93 -9.68
N GLN A 135 -17.04 3.89 -8.92
CA GLN A 135 -16.56 3.69 -7.56
C GLN A 135 -15.05 3.43 -7.58
N LEU A 136 -14.55 2.72 -8.60
CA LEU A 136 -13.13 2.40 -8.71
C LEU A 136 -12.30 3.65 -8.84
N LEU A 137 -12.81 4.65 -9.61
CA LEU A 137 -12.13 5.92 -9.80
C LEU A 137 -12.22 6.76 -8.57
N LEU A 138 -13.35 6.63 -7.79
CA LEU A 138 -13.46 7.34 -6.52
C LEU A 138 -12.37 6.78 -5.61
N PHE A 139 -12.21 5.45 -5.56
CA PHE A 139 -11.14 4.83 -4.73
C PHE A 139 -9.75 5.35 -5.13
N ALA A 140 -9.45 5.35 -6.43
CA ALA A 140 -8.21 5.85 -7.03
C ALA A 140 -7.99 7.31 -6.60
N GLN A 141 -9.07 8.13 -6.60
CA GLN A 141 -9.01 9.53 -6.15
C GLN A 141 -8.69 9.60 -4.67
N GLN A 142 -9.30 8.72 -3.85
CA GLN A 142 -9.08 8.68 -2.41
C GLN A 142 -7.65 8.25 -2.04
N ILE A 143 -7.10 7.27 -2.77
CA ILE A 143 -5.71 6.81 -2.55
C ILE A 143 -4.76 8.00 -2.82
N CYS A 144 -4.98 8.72 -3.93
CA CYS A 144 -4.21 9.94 -4.27
C CYS A 144 -4.23 11.00 -3.17
N GLU A 145 -5.41 11.29 -2.58
CA GLU A 145 -5.56 12.25 -1.48
C GLU A 145 -4.79 11.81 -0.24
N GLY A 146 -4.90 10.53 0.10
CA GLY A 146 -4.14 9.93 1.20
C GLY A 146 -2.64 9.98 0.94
N MET A 147 -2.21 9.71 -0.31
CA MET A 147 -0.80 9.71 -0.71
C MET A 147 -0.26 11.14 -0.84
N ALA A 148 -1.09 12.09 -1.29
CA ALA A 148 -0.62 13.48 -1.38
C ALA A 148 -0.41 14.01 0.04
N TYR A 149 -1.26 13.57 0.99
CA TYR A 149 -1.10 13.95 2.38
C TYR A 149 0.18 13.34 2.95
N LEU A 150 0.42 12.04 2.72
CA LEU A 150 1.65 11.35 3.16
C LEU A 150 2.89 12.06 2.63
N HIS A 151 2.89 12.42 1.34
CA HIS A 151 4.01 13.12 0.71
C HIS A 151 4.19 14.52 1.30
N SER A 152 3.06 15.19 1.67
CA SER A 152 3.11 16.54 2.30
C SER A 152 3.80 16.50 3.66
N GLN A 153 3.78 15.33 4.36
CA GLN A 153 4.43 15.09 5.64
C GLN A 153 5.87 14.58 5.48
N HIS A 154 6.38 14.60 4.24
CA HIS A 154 7.73 14.20 3.83
C HIS A 154 8.05 12.71 4.08
N TYR A 155 7.08 11.83 3.76
CA TYR A 155 7.24 10.38 3.86
C TYR A 155 7.00 9.72 2.50
N ILE A 156 7.73 8.63 2.21
CA ILE A 156 7.50 7.84 1.00
C ILE A 156 6.86 6.55 1.49
N HIS A 157 5.93 5.97 0.73
CA HIS A 157 5.24 4.76 1.16
C HIS A 157 6.08 3.50 0.90
N ARG A 158 6.56 3.32 -0.36
CA ARG A 158 7.39 2.17 -0.80
C ARG A 158 6.65 0.84 -0.94
N ASP A 159 5.35 0.79 -0.62
CA ASP A 159 4.59 -0.49 -0.73
C ASP A 159 3.12 -0.27 -1.15
N LEU A 160 2.91 0.73 -2.05
CA LEU A 160 1.57 1.04 -2.51
C LEU A 160 1.08 -0.04 -3.49
N ALA A 161 0.13 -0.87 -3.04
CA ALA A 161 -0.51 -1.95 -3.81
C ALA A 161 -1.91 -2.09 -3.32
N ALA A 162 -2.79 -2.71 -4.10
CA ALA A 162 -4.20 -2.94 -3.72
C ALA A 162 -4.34 -3.73 -2.39
N ARG A 163 -3.37 -4.60 -2.05
CA ARG A 163 -3.38 -5.38 -0.77
C ARG A 163 -3.24 -4.45 0.46
N ASN A 164 -2.77 -3.21 0.24
CA ASN A 164 -2.60 -2.23 1.32
C ASN A 164 -3.67 -1.15 1.36
N VAL A 165 -4.70 -1.27 0.51
CA VAL A 165 -5.81 -0.31 0.44
C VAL A 165 -7.04 -0.97 1.04
N LEU A 166 -7.50 -0.46 2.18
CA LEU A 166 -8.62 -1.04 2.92
C LEU A 166 -9.96 -0.40 2.64
N LEU A 167 -11.01 -1.22 2.60
CA LEU A 167 -12.35 -0.73 2.27
C LEU A 167 -13.17 -0.49 3.54
N ASP A 168 -13.36 0.79 3.94
CA ASP A 168 -14.14 1.14 5.14
C ASP A 168 -15.62 0.83 4.84
N ASN A 169 -16.14 1.37 3.71
CA ASN A 169 -17.50 1.19 3.20
C ASN A 169 -17.44 1.38 1.69
N ASP A 170 -18.52 1.01 0.93
CA ASP A 170 -18.60 1.14 -0.53
C ASP A 170 -18.14 2.49 -1.14
N ARG A 171 -17.97 3.52 -0.29
CA ARG A 171 -17.55 4.87 -0.71
C ARG A 171 -16.37 5.45 0.11
N LEU A 172 -15.65 4.60 0.86
CA LEU A 172 -14.47 5.08 1.60
C LEU A 172 -13.35 4.06 1.62
N VAL A 173 -12.18 4.50 1.17
CA VAL A 173 -10.97 3.70 1.14
C VAL A 173 -9.83 4.32 1.99
N LYS A 174 -9.00 3.48 2.64
CA LYS A 174 -7.90 4.01 3.46
C LYS A 174 -6.61 3.20 3.23
N ILE A 175 -5.45 3.88 3.19
CA ILE A 175 -4.13 3.22 3.11
C ILE A 175 -3.93 2.61 4.50
N GLY A 176 -3.79 1.29 4.52
CA GLY A 176 -3.80 0.51 5.76
C GLY A 176 -2.55 -0.12 6.30
N ASP A 177 -1.39 0.10 5.66
CA ASP A 177 -0.11 -0.44 6.13
C ASP A 177 1.03 0.52 5.79
N PHE A 178 2.01 0.65 6.70
CA PHE A 178 3.17 1.55 6.54
C PHE A 178 4.50 0.86 6.87
N GLY A 179 4.54 -0.45 6.66
CA GLY A 179 5.69 -1.32 6.90
C GLY A 179 7.01 -0.89 6.29
N LEU A 180 6.98 -0.29 5.10
CA LEU A 180 8.18 0.17 4.39
C LEU A 180 8.30 1.68 4.32
N ALA A 181 7.32 2.44 4.86
CA ALA A 181 7.31 3.89 4.79
C ALA A 181 8.54 4.53 5.43
N LYS A 182 9.11 5.58 4.80
CA LYS A 182 10.35 6.18 5.30
C LYS A 182 10.30 7.70 5.20
N ALA A 183 10.98 8.41 6.13
CA ALA A 183 11.07 9.86 6.13
C ALA A 183 12.05 10.23 5.03
N VAL A 184 11.69 11.19 4.18
CA VAL A 184 12.62 11.63 3.13
C VAL A 184 13.55 12.68 3.78
N PRO A 185 14.90 12.48 3.74
CA PRO A 185 15.82 13.45 4.36
C PRO A 185 15.68 14.84 3.73
N GLU A 186 15.52 15.86 4.60
CA GLU A 186 15.32 17.30 4.29
C GLU A 186 15.95 17.85 2.98
N GLY A 187 17.26 17.67 2.84
CA GLY A 187 18.01 18.14 1.68
C GLY A 187 17.84 17.28 0.44
N HIS A 188 17.69 15.96 0.64
CA HIS A 188 17.51 15.00 -0.44
C HIS A 188 16.12 15.00 -1.05
N GLU A 189 16.03 14.53 -2.30
CA GLU A 189 14.82 14.37 -3.11
C GLU A 189 14.39 12.88 -3.16
N PTR A 190 15.23 11.99 -2.62
CA PTR A 190 14.96 10.57 -2.59
C PTR A 190 15.53 9.93 -1.32
O PTR A 190 16.25 10.58 -0.55
CB PTR A 190 15.58 9.91 -3.84
CG PTR A 190 17.10 10.08 -3.97
CD1 PTR A 190 17.64 11.18 -4.66
CD2 PTR A 190 17.97 9.13 -3.43
CE1 PTR A 190 19.03 11.33 -4.78
CE2 PTR A 190 19.37 9.27 -3.55
CZ PTR A 190 19.91 10.38 -4.22
OH PTR A 190 21.28 10.49 -4.36
P PTR A 190 22.06 11.44 -3.40
O1P PTR A 190 21.57 11.31 -1.99
O2P PTR A 190 21.95 12.91 -3.86
O3P PTR A 190 23.50 10.96 -3.51
N TYR A 191 15.23 8.66 -1.14
CA TYR A 191 15.73 7.84 -0.05
C TYR A 191 16.47 6.65 -0.67
N ARG A 192 17.67 6.32 -0.15
CA ARG A 192 18.49 5.20 -0.65
C ARG A 192 17.97 3.94 0.01
N VAL A 193 17.53 2.96 -0.78
CA VAL A 193 16.89 1.75 -0.26
C VAL A 193 17.75 0.53 0.10
N ARG A 194 18.68 0.09 -0.78
CA ARG A 194 19.50 -1.13 -0.59
C ARG A 194 18.56 -2.38 -0.56
N GLU A 195 18.15 -2.81 -1.79
CA GLU A 195 17.21 -3.91 -2.13
C GLU A 195 17.29 -5.20 -1.29
N ASP A 196 16.15 -5.60 -0.70
CA ASP A 196 15.99 -6.81 0.11
C ASP A 196 15.51 -7.99 -0.75
N GLY A 197 15.00 -9.03 -0.08
CA GLY A 197 14.44 -10.21 -0.73
C GLY A 197 12.93 -10.14 -0.82
N ASP A 198 12.31 -9.31 0.05
CA ASP A 198 10.85 -9.12 0.10
C ASP A 198 10.33 -7.86 -0.62
N SER A 199 11.22 -7.05 -1.24
CA SER A 199 10.81 -5.83 -1.96
C SER A 199 9.74 -6.11 -3.02
N PRO A 200 8.65 -5.31 -3.08
CA PRO A 200 7.59 -5.59 -4.06
C PRO A 200 7.96 -5.06 -5.44
N VAL A 201 8.93 -5.75 -6.08
CA VAL A 201 9.50 -5.40 -7.38
C VAL A 201 8.52 -5.19 -8.50
N PHE A 202 7.41 -5.97 -8.50
CA PHE A 202 6.39 -5.85 -9.54
C PHE A 202 5.55 -4.57 -9.42
N TRP A 203 5.77 -3.78 -8.35
CA TRP A 203 5.11 -2.48 -8.13
C TRP A 203 6.13 -1.32 -8.24
N TYR A 204 7.40 -1.63 -8.55
CA TYR A 204 8.48 -0.64 -8.55
C TYR A 204 8.89 -0.02 -9.86
N ALA A 205 9.25 1.28 -9.78
CA ALA A 205 9.72 2.03 -10.96
C ALA A 205 11.16 1.59 -11.30
N PRO A 206 11.66 1.81 -12.54
CA PRO A 206 13.05 1.38 -12.86
C PRO A 206 14.14 2.00 -11.98
N GLU A 207 14.00 3.29 -11.57
CA GLU A 207 15.00 3.91 -10.70
C GLU A 207 15.18 3.14 -9.37
N CYS A 208 14.09 2.53 -8.87
CA CYS A 208 14.10 1.69 -7.65
C CYS A 208 14.84 0.35 -7.90
N LEU A 209 14.58 -0.29 -9.04
CA LEU A 209 15.17 -1.58 -9.35
C LEU A 209 16.65 -1.49 -9.70
N LYS A 210 17.03 -0.39 -10.34
CA LYS A 210 18.34 -0.10 -10.91
C LYS A 210 19.31 0.65 -10.02
N GLU A 211 18.88 1.82 -9.50
CA GLU A 211 19.71 2.75 -8.73
C GLU A 211 19.49 2.69 -7.24
N TYR A 212 18.58 1.82 -6.77
CA TYR A 212 18.19 1.65 -5.36
C TYR A 212 17.79 3.01 -4.68
N LYS A 213 17.20 3.92 -5.47
CA LYS A 213 16.75 5.25 -5.07
C LYS A 213 15.22 5.35 -5.15
N PHE A 214 14.58 5.68 -4.03
CA PHE A 214 13.12 5.84 -3.96
C PHE A 214 12.76 7.31 -3.84
N TYR A 215 12.08 7.86 -4.87
CA TYR A 215 11.66 9.26 -5.00
C TYR A 215 10.18 9.33 -4.69
N TYR A 216 9.63 10.55 -4.49
CA TYR A 216 8.18 10.69 -4.30
C TYR A 216 7.49 10.13 -5.58
N ALA A 217 8.08 10.41 -6.76
CA ALA A 217 7.65 9.93 -8.10
C ALA A 217 7.62 8.40 -8.21
N SER A 218 8.36 7.69 -7.35
CA SER A 218 8.40 6.22 -7.34
C SER A 218 7.13 5.68 -6.73
N ASP A 219 6.55 6.42 -5.77
CA ASP A 219 5.24 6.06 -5.23
C ASP A 219 4.15 6.23 -6.29
N VAL A 220 4.30 7.26 -7.20
CA VAL A 220 3.32 7.50 -8.28
C VAL A 220 3.32 6.33 -9.26
N TRP A 221 4.51 5.78 -9.60
CA TRP A 221 4.60 4.58 -10.42
C TRP A 221 3.80 3.45 -9.75
N SER A 222 4.04 3.22 -8.43
CA SER A 222 3.31 2.15 -7.69
C SER A 222 1.80 2.38 -7.68
N PHE A 223 1.38 3.68 -7.68
CA PHE A 223 -0.03 4.04 -7.73
C PHE A 223 -0.64 3.62 -9.09
N GLY A 224 0.10 3.80 -10.15
CA GLY A 224 -0.29 3.38 -11.49
C GLY A 224 -0.57 1.88 -11.53
N VAL A 225 0.26 1.12 -10.85
CA VAL A 225 0.14 -0.32 -10.74
C VAL A 225 -1.08 -0.66 -9.91
N THR A 226 -1.31 0.07 -8.82
CA THR A 226 -2.50 -0.12 -7.95
C THR A 226 -3.76 0.13 -8.80
N LEU A 227 -3.76 1.23 -9.56
CA LEU A 227 -4.87 1.62 -10.42
C LEU A 227 -5.16 0.47 -11.43
N TYR A 228 -4.12 -0.16 -12.02
CA TYR A 228 -4.23 -1.32 -12.92
C TYR A 228 -4.93 -2.48 -12.17
N GLU A 229 -4.45 -2.83 -10.93
CA GLU A 229 -5.03 -3.89 -10.09
C GLU A 229 -6.53 -3.65 -9.90
N LEU A 230 -6.90 -2.40 -9.56
CA LEU A 230 -8.30 -1.99 -9.34
C LEU A 230 -9.15 -2.23 -10.59
N LEU A 231 -8.65 -1.78 -11.76
CA LEU A 231 -9.35 -1.94 -13.05
C LEU A 231 -9.41 -3.39 -13.53
N THR A 232 -8.55 -4.28 -12.99
CA THR A 232 -8.62 -5.73 -13.29
C THR A 232 -9.46 -6.45 -12.21
N HIS A 233 -10.03 -5.67 -11.23
CA HIS A 233 -10.81 -6.20 -10.09
C HIS A 233 -9.95 -7.13 -9.24
N CYS A 234 -8.65 -6.83 -9.16
CA CYS A 234 -7.65 -7.65 -8.48
C CYS A 234 -7.71 -9.15 -8.87
N ASP A 235 -7.97 -9.41 -10.17
CA ASP A 235 -8.02 -10.79 -10.68
C ASP A 235 -6.59 -11.36 -10.60
N SER A 236 -6.44 -12.47 -9.87
CA SER A 236 -5.14 -13.12 -9.62
C SER A 236 -4.40 -13.48 -10.92
N SER A 237 -5.15 -13.91 -11.95
CA SER A 237 -4.54 -14.22 -13.24
C SER A 237 -4.05 -12.96 -14.01
N GLN A 238 -4.60 -11.76 -13.68
CA GLN A 238 -4.21 -10.47 -14.29
C GLN A 238 -3.21 -9.69 -13.41
N SER A 239 -2.86 -10.24 -12.24
CA SER A 239 -1.97 -9.59 -11.26
C SER A 239 -0.61 -9.17 -11.82
N PRO A 240 -0.03 -8.05 -11.30
CA PRO A 240 1.32 -7.65 -11.75
C PRO A 240 2.37 -8.77 -11.70
N PRO A 241 2.54 -9.59 -10.61
CA PRO A 241 3.54 -10.68 -10.67
C PRO A 241 3.20 -11.66 -11.78
N THR A 242 1.90 -12.03 -11.96
CA THR A 242 1.45 -12.96 -13.02
C THR A 242 1.80 -12.48 -14.43
N LYS A 243 1.35 -11.29 -14.78
CA LYS A 243 1.61 -10.64 -16.07
C LYS A 243 3.09 -10.41 -16.37
N PHE A 244 3.87 -9.83 -15.43
CA PHE A 244 5.30 -9.63 -15.66
C PHE A 244 6.07 -10.93 -15.79
N LEU A 245 5.68 -11.95 -14.98
CA LEU A 245 6.31 -13.25 -15.06
C LEU A 245 5.99 -14.00 -16.35
N GLU A 246 4.88 -13.65 -17.02
CA GLU A 246 4.57 -14.18 -18.34
C GLU A 246 5.50 -13.51 -19.38
N LEU A 247 5.84 -12.22 -19.18
CA LEU A 247 6.72 -11.49 -20.08
C LEU A 247 8.21 -11.80 -19.89
N ILE A 248 8.61 -12.34 -18.72
CA ILE A 248 9.99 -12.63 -18.38
C ILE A 248 10.29 -14.13 -18.51
N GLY A 249 9.36 -14.94 -18.02
CA GLY A 249 9.49 -16.37 -17.96
C GLY A 249 10.00 -16.75 -16.60
N ILE A 250 10.16 -18.05 -16.34
CA ILE A 250 10.58 -18.55 -15.03
C ILE A 250 11.90 -19.35 -14.95
N ALA A 251 12.65 -19.45 -16.05
CA ALA A 251 13.95 -20.15 -16.08
C ALA A 251 15.12 -19.13 -16.08
N GLN A 252 14.99 -18.06 -15.27
CA GLN A 252 15.91 -16.93 -15.24
C GLN A 252 17.08 -16.89 -14.28
N GLY A 253 17.19 -17.88 -13.39
CA GLY A 253 18.23 -17.89 -12.36
C GLY A 253 17.99 -16.70 -11.42
N GLN A 254 19.06 -15.98 -11.08
CA GLN A 254 18.98 -14.78 -10.25
C GLN A 254 18.62 -13.54 -11.10
N MET A 255 17.99 -13.74 -12.29
CA MET A 255 17.73 -12.63 -13.22
C MET A 255 16.33 -12.11 -13.45
N THR A 256 15.35 -12.45 -12.61
CA THR A 256 14.00 -11.90 -12.77
C THR A 256 14.05 -10.38 -12.75
N VAL A 257 14.69 -9.78 -11.72
CA VAL A 257 14.81 -8.32 -11.55
C VAL A 257 15.51 -7.63 -12.75
N LEU A 258 16.58 -8.25 -13.33
CA LEU A 258 17.28 -7.67 -14.46
C LEU A 258 16.41 -7.62 -15.67
N ARG A 259 15.74 -8.75 -16.01
CA ARG A 259 14.83 -8.86 -17.15
C ARG A 259 13.63 -7.91 -17.02
N LEU A 260 13.13 -7.74 -15.78
CA LEU A 260 12.02 -6.82 -15.52
C LEU A 260 12.51 -5.40 -15.84
N THR A 261 13.68 -5.01 -15.35
CA THR A 261 14.28 -3.69 -15.55
C THR A 261 14.47 -3.41 -17.04
N GLU A 262 15.02 -4.39 -17.81
CA GLU A 262 15.23 -4.22 -19.23
C GLU A 262 13.94 -4.14 -20.03
N LEU A 263 12.89 -4.91 -19.63
CA LEU A 263 11.59 -4.78 -20.29
C LEU A 263 10.94 -3.42 -20.04
N LEU A 264 11.03 -2.91 -18.81
CA LEU A 264 10.44 -1.60 -18.51
C LEU A 264 11.17 -0.46 -19.27
N GLU A 265 12.50 -0.61 -19.47
CA GLU A 265 13.33 0.36 -20.20
C GLU A 265 13.08 0.34 -21.73
N ARG A 266 12.65 -0.81 -22.27
CA ARG A 266 12.24 -0.96 -23.67
C ARG A 266 10.81 -0.39 -23.87
N GLY A 267 10.17 0.04 -22.79
CA GLY A 267 8.83 0.60 -22.84
C GLY A 267 7.69 -0.40 -22.73
N GLU A 268 8.01 -1.67 -22.37
CA GLU A 268 6.93 -2.65 -22.19
C GLU A 268 6.22 -2.32 -20.88
N ARG A 269 4.91 -2.40 -20.88
CA ARG A 269 4.09 -2.07 -19.71
C ARG A 269 3.02 -3.11 -19.51
N LEU A 270 2.33 -3.07 -18.34
CA LEU A 270 1.17 -3.95 -18.07
C LEU A 270 0.08 -3.60 -19.09
N PRO A 271 -0.66 -4.60 -19.63
CA PRO A 271 -1.68 -4.28 -20.65
C PRO A 271 -2.89 -3.48 -20.18
N ARG A 272 -3.68 -3.01 -21.13
CA ARG A 272 -4.91 -2.27 -20.83
C ARG A 272 -5.92 -3.31 -20.28
N PRO A 273 -6.44 -3.12 -19.05
CA PRO A 273 -7.41 -4.10 -18.52
C PRO A 273 -8.70 -4.10 -19.37
N ASP A 274 -9.30 -5.29 -19.52
CA ASP A 274 -10.56 -5.50 -20.23
C ASP A 274 -11.59 -4.54 -19.63
N LYS A 275 -12.27 -3.75 -20.48
CA LYS A 275 -13.26 -2.74 -20.10
C LYS A 275 -12.67 -1.48 -19.42
N CYS A 276 -11.34 -1.30 -19.44
CA CYS A 276 -10.73 -0.09 -18.88
C CYS A 276 -10.82 1.00 -19.97
N PRO A 277 -11.26 2.24 -19.65
CA PRO A 277 -11.31 3.28 -20.70
C PRO A 277 -9.92 3.61 -21.23
N ALA A 278 -9.85 4.18 -22.45
CA ALA A 278 -8.58 4.57 -23.06
C ALA A 278 -7.89 5.69 -22.28
N GLU A 279 -8.64 6.70 -21.83
CA GLU A 279 -8.11 7.85 -21.07
C GLU A 279 -7.54 7.48 -19.69
N VAL A 280 -8.13 6.47 -19.02
CA VAL A 280 -7.68 5.98 -17.72
C VAL A 280 -6.37 5.19 -17.91
N TYR A 281 -6.29 4.38 -18.99
CA TYR A 281 -5.06 3.66 -19.35
C TYR A 281 -3.93 4.64 -19.67
N HIS A 282 -4.23 5.75 -20.36
CA HIS A 282 -3.25 6.79 -20.65
C HIS A 282 -2.71 7.47 -19.39
N LEU A 283 -3.58 7.68 -18.38
CA LEU A 283 -3.21 8.23 -17.08
C LEU A 283 -2.25 7.22 -16.40
N MET A 284 -2.59 5.91 -16.43
CA MET A 284 -1.81 4.81 -15.90
C MET A 284 -0.41 4.84 -16.55
N LYS A 285 -0.37 4.94 -17.90
CA LYS A 285 0.86 5.01 -18.69
C LYS A 285 1.67 6.25 -18.30
N ASN A 286 1.02 7.33 -17.83
CA ASN A 286 1.69 8.56 -17.40
C ASN A 286 2.35 8.41 -16.01
N CYS A 287 1.74 7.59 -15.13
CA CYS A 287 2.28 7.27 -13.82
C CYS A 287 3.46 6.33 -14.08
N TRP A 288 3.47 5.64 -15.23
CA TRP A 288 4.54 4.73 -15.63
C TRP A 288 5.57 5.31 -16.59
N GLU A 289 5.78 6.62 -16.56
CA GLU A 289 6.83 7.24 -17.36
C GLU A 289 8.19 6.70 -16.85
N THR A 290 9.07 6.23 -17.76
CA THR A 290 10.41 5.74 -17.36
C THR A 290 11.15 6.84 -16.61
N GLU A 291 11.11 8.08 -17.14
CA GLU A 291 11.72 9.26 -16.51
C GLU A 291 10.80 9.73 -15.36
N ALA A 292 11.31 9.67 -14.12
CA ALA A 292 10.55 9.95 -12.90
C ALA A 292 9.98 11.35 -12.81
N SER A 293 10.75 12.34 -13.27
CA SER A 293 10.33 13.74 -13.30
C SER A 293 9.20 14.02 -14.29
N PHE A 294 8.94 13.10 -15.27
CA PHE A 294 7.83 13.27 -16.27
C PHE A 294 6.50 12.75 -15.72
N ARG A 295 6.52 12.08 -14.55
CA ARG A 295 5.32 11.57 -13.91
C ARG A 295 4.58 12.72 -13.23
N PRO A 296 3.23 12.65 -13.15
CA PRO A 296 2.50 13.65 -12.36
C PRO A 296 2.71 13.38 -10.86
N THR A 297 2.47 14.39 -10.02
CA THR A 297 2.54 14.20 -8.58
C THR A 297 1.13 13.79 -8.13
N PHE A 298 0.98 13.34 -6.88
CA PHE A 298 -0.34 12.99 -6.36
C PHE A 298 -1.25 14.25 -6.31
N GLU A 299 -0.63 15.43 -5.99
CA GLU A 299 -1.32 16.75 -5.97
C GLU A 299 -1.92 17.06 -7.36
N ASN A 300 -1.17 16.73 -8.45
CA ASN A 300 -1.65 16.92 -9.83
C ASN A 300 -2.74 15.94 -10.23
N LEU A 301 -2.69 14.73 -9.64
CA LEU A 301 -3.64 13.68 -10.01
C LEU A 301 -5.02 13.90 -9.43
N ILE A 302 -5.12 14.52 -8.24
CA ILE A 302 -6.41 14.78 -7.56
C ILE A 302 -7.44 15.50 -8.47
N PRO A 303 -7.19 16.74 -9.03
CA PRO A 303 -8.19 17.36 -9.93
C PRO A 303 -8.56 16.51 -11.14
N ILE A 304 -7.60 15.74 -11.65
CA ILE A 304 -7.76 14.89 -12.83
C ILE A 304 -8.70 13.69 -12.57
N LEU A 305 -8.49 13.00 -11.44
CA LEU A 305 -9.34 11.85 -11.07
C LEU A 305 -10.72 12.34 -10.64
N LYS A 306 -10.79 13.47 -9.90
CA LYS A 306 -12.03 14.14 -9.47
C LYS A 306 -12.91 14.34 -10.69
N THR A 307 -12.35 14.97 -11.73
CA THR A 307 -12.97 15.25 -13.01
C THR A 307 -13.32 13.98 -13.78
N VAL A 308 -12.40 12.99 -13.86
CA VAL A 308 -12.64 11.70 -14.53
C VAL A 308 -13.73 10.88 -13.76
N HIS A 309 -13.79 11.03 -12.43
CA HIS A 309 -14.79 10.34 -11.60
C HIS A 309 -16.21 10.93 -11.87
N GLU A 310 -16.35 12.28 -11.88
CA GLU A 310 -17.62 12.98 -12.12
C GLU A 310 -18.25 12.56 -13.43
N LYS A 311 -17.40 12.34 -14.45
CA LYS A 311 -17.78 11.92 -15.80
C LYS A 311 -18.44 10.54 -15.83
N TYR A 312 -17.72 9.51 -15.34
CA TYR A 312 -18.22 8.13 -15.38
C TYR A 312 -19.37 7.84 -14.43
N GLN A 313 -19.62 8.76 -13.49
CA GLN A 313 -20.71 8.75 -12.53
C GLN A 313 -22.07 8.90 -13.24
N GLY A 314 -22.11 9.73 -14.30
CA GLY A 314 -23.32 9.98 -15.11
C GLY A 314 -23.21 9.47 -16.55
N3 G5D B . -4.73 -4.99 7.38
C4 G5D B . -7.21 -3.41 9.56
N2 G5D B . -8.31 -4.15 9.31
C7 G5D B . -3.64 -6.98 6.58
C6 G5D B . -2.65 -4.81 6.29
C9 G5D B . -9.44 -7.09 7.39
C13 G5D B . -8.70 -8.82 5.89
C20 G5D B . -9.82 -12.39 3.56
C21 G5D B . -9.82 -13.77 4.23
C8 G5D B . -4.65 -5.87 6.19
N5 G5D B . -9.27 -5.95 8.20
C18 G5D B . 0.00 -5.85 7.24
C16 G5D B . -3.78 -5.01 5.23
C19 G5D B . 1.09 -6.55 7.89
C1 G5D B . -8.12 -5.20 8.40
N1 G5D B . -6.97 -5.50 7.74
C2 G5D B . -5.89 -4.69 8.04
C3 G5D B . -5.97 -3.63 8.97
C5 G5D B . -3.47 -4.20 7.47
N4 G5D B . -2.36 -6.22 6.63
C10 G5D B . -10.77 -7.55 7.25
C11 G5D B . -11.04 -8.60 6.40
C12 G5D B . -10.02 -9.21 5.68
C14 G5D B . -8.40 -7.77 6.76
C15 G5D B . -10.39 -10.22 4.66
O1 G5D B . -11.38 -10.06 3.93
N6 G5D B . -9.57 -11.33 4.54
C17 G5D B . -1.21 -6.77 7.16
O2 G5D B . -1.19 -7.95 7.48
N7 G5D B . 1.95 -7.10 8.44
H2 G5D B . -7.37 -2.60 10.27
H6 G5D B . -3.87 -7.49 7.55
H7 G5D B . -3.60 -7.81 5.83
H5 G5D B . -1.78 -4.22 5.98
H12 G5D B . -7.88 -9.31 5.36
H19 G5D B . -9.04 -12.35 2.77
H20 G5D B . -10.79 -12.23 3.02
H23 G5D B . -8.85 -14.00 4.71
H21 G5D B . -10.00 -14.57 3.50
H22 G5D B . -10.60 -13.86 5.01
H8 G5D B . -5.61 -6.23 5.79
H9 G5D B . -10.10 -5.62 8.70
H18 G5D B . 0.33 -5.52 6.23
H17 G5D B . -0.24 -4.93 7.81
H15 G5D B . -3.47 -5.53 4.31
H16 G5D B . -4.25 -4.07 4.89
H1 G5D B . -5.12 -3.01 9.23
H4 G5D B . -3.63 -3.11 7.33
H3 G5D B . -2.99 -4.33 8.46
H10 G5D B . -11.60 -7.08 7.79
H11 G5D B . -12.08 -8.94 6.26
H13 G5D B . -7.35 -7.50 6.91
H14 G5D B . -8.83 -11.49 5.21
#